data_4COS
#
_entry.id   4COS
#
_cell.length_a   66.955
_cell.length_b   68.835
_cell.length_c   70.350
_cell.angle_alpha   90.00
_cell.angle_beta   90.00
_cell.angle_gamma   90.00
#
_symmetry.space_group_name_H-M   'P 21 21 21'
#
loop_
_entity.id
_entity.type
_entity.pdbx_description
1 polymer 'PROTEIN KINASE C-BINDING PROTEIN 1'
2 non-polymer 'ZINC ION'
3 non-polymer '1,4-DIETHYLENE DIOXIDE'
4 water water
#
_entity_poly.entity_id   1
_entity_poly.type   'polypeptide(L)'
_entity_poly.pdbx_seq_one_letter_code
;SMQDGRNDFYCWVCHREGQVLCCELCPRVYHAKCLRLTSEPEGDWFCPECEKITVAECIETQSKAMTMLTIEQLSYLLKF
AIQKMKQPGTDAFQKPVPLEQHPDYAEYIFHPMDLCTLEKNAKKKMYGCTEAFLADAKWILHNCIIYNGGNHKLTQIAKV
VIKICEHEMNEIEVCPECYLAACQKRDNWFCEPCSNPHPLVWAKLKGFPFWPAKALRDKDGQVDARFFGQHDRAWVPINN
CYLMSKEIPFSVKKTKSIFNSAMQEMEVYVENIRRKFGVFNYSPFRTPYTPNSQYQMLLDPTNPSAGTAKIDKQEKVKLN
FDMTAS
;
_entity_poly.pdbx_strand_id   A
#
loop_
_chem_comp.id
_chem_comp.type
_chem_comp.name
_chem_comp.formula
DIO non-polymer '1,4-DIETHYLENE DIOXIDE' 'C4 H8 O2'
ZN non-polymer 'ZINC ION' 'Zn 2'
#
# COMPACT_ATOMS: atom_id res chain seq x y z
N ARG A 6 -6.67 -27.85 10.66
CA ARG A 6 -8.02 -28.49 10.52
C ARG A 6 -8.86 -27.79 9.44
N ASN A 7 -9.08 -28.48 8.32
CA ASN A 7 -9.60 -27.77 7.15
C ASN A 7 -10.97 -27.16 7.35
N ASP A 8 -11.14 -25.97 6.78
CA ASP A 8 -12.47 -25.32 6.70
C ASP A 8 -13.50 -26.14 5.88
N PHE A 9 -14.79 -25.90 6.13
CA PHE A 9 -15.93 -26.45 5.36
C PHE A 9 -16.56 -25.43 4.41
N TYR A 10 -16.21 -24.14 4.56
CA TYR A 10 -16.78 -23.05 3.79
C TYR A 10 -15.86 -22.44 2.80
N CYS A 11 -16.26 -22.35 1.54
CA CYS A 11 -15.44 -21.82 0.48
C CYS A 11 -14.95 -20.43 0.78
N TRP A 12 -13.65 -20.22 0.58
CA TRP A 12 -13.00 -18.96 0.92
C TRP A 12 -13.54 -17.80 0.05
N VAL A 13 -13.99 -18.11 -1.17
CA VAL A 13 -14.49 -17.12 -2.12
C VAL A 13 -15.94 -16.70 -1.82
N CYS A 14 -16.86 -17.65 -1.73
CA CYS A 14 -18.26 -17.39 -1.65
C CYS A 14 -18.82 -17.59 -0.25
N HIS A 15 -18.04 -18.21 0.63
CA HIS A 15 -18.38 -18.44 2.03
C HIS A 15 -19.48 -19.46 2.21
N ARG A 16 -19.74 -20.28 1.21
CA ARG A 16 -20.73 -21.37 1.32
C ARG A 16 -20.11 -22.78 1.36
N GLU A 17 -20.85 -23.71 1.93
CA GLU A 17 -20.46 -25.10 2.00
C GLU A 17 -20.54 -25.73 0.64
N GLY A 18 -20.24 -27.03 0.59
CA GLY A 18 -20.37 -27.81 -0.64
C GLY A 18 -19.13 -28.63 -0.87
N GLN A 19 -18.96 -29.12 -2.10
CA GLN A 19 -17.82 -29.90 -2.43
C GLN A 19 -16.65 -28.95 -2.64
N VAL A 20 -15.63 -29.07 -1.80
CA VAL A 20 -14.56 -28.11 -1.76
C VAL A 20 -13.16 -28.71 -1.83
N LEU A 21 -12.26 -28.06 -2.57
CA LEU A 21 -10.84 -28.45 -2.67
C LEU A 21 -10.13 -27.93 -1.48
N CYS A 22 -9.12 -28.69 -1.02
CA CYS A 22 -8.25 -28.34 0.10
C CYS A 22 -6.90 -27.80 -0.33
N CYS A 23 -6.47 -26.71 0.25
CA CYS A 23 -5.10 -26.24 0.04
C CYS A 23 -4.15 -27.14 0.82
N GLU A 24 -2.98 -27.48 0.25
CA GLU A 24 -1.93 -28.23 1.02
C GLU A 24 -1.29 -27.43 2.18
N LEU A 25 -1.07 -26.11 2.01
CA LEU A 25 -0.40 -25.23 3.02
C LEU A 25 -1.27 -24.62 4.12
N CYS A 26 -2.53 -24.32 3.85
CA CYS A 26 -3.38 -23.70 4.85
C CYS A 26 -4.74 -24.38 4.93
N PRO A 27 -5.57 -23.97 5.91
CA PRO A 27 -6.83 -24.65 6.04
C PRO A 27 -7.96 -24.16 5.14
N ARG A 28 -7.68 -23.20 4.28
CA ARG A 28 -8.72 -22.69 3.37
C ARG A 28 -9.19 -23.76 2.36
N VAL A 29 -10.46 -23.72 2.05
CA VAL A 29 -11.03 -24.60 1.03
C VAL A 29 -11.78 -23.77 0.01
N TYR A 30 -11.95 -24.35 -1.18
CA TYR A 30 -12.51 -23.64 -2.33
C TYR A 30 -13.39 -24.51 -3.21
N HIS A 31 -14.54 -23.95 -3.63
CA HIS A 31 -15.24 -24.61 -4.75
C HIS A 31 -14.39 -24.43 -5.99
N ALA A 32 -14.20 -25.53 -6.72
CA ALA A 32 -13.49 -25.45 -7.99
C ALA A 32 -14.07 -24.35 -8.88
N LYS A 33 -15.39 -24.33 -9.00
CA LYS A 33 -16.06 -23.36 -9.85
C LYS A 33 -15.70 -21.89 -9.44
N CYS A 34 -15.51 -21.65 -8.15
CA CYS A 34 -15.20 -20.33 -7.68
C CYS A 34 -13.84 -19.79 -8.10
N LEU A 35 -12.93 -20.68 -8.51
CA LEU A 35 -11.57 -20.31 -8.90
C LEU A 35 -11.40 -20.09 -10.43
N ARG A 36 -12.41 -20.41 -11.23
CA ARG A 36 -12.30 -20.21 -12.71
C ARG A 36 -10.98 -20.74 -13.31
N LEU A 37 -10.75 -22.04 -13.13
CA LEU A 37 -9.50 -22.71 -13.47
C LEU A 37 -9.52 -23.25 -14.89
N THR A 38 -8.33 -23.40 -15.47
CA THR A 38 -8.09 -24.20 -16.68
C THR A 38 -8.57 -25.66 -16.49
N SER A 39 -8.26 -26.21 -15.33
CA SER A 39 -8.80 -27.54 -14.94
C SER A 39 -8.48 -27.74 -13.49
N GLU A 40 -9.11 -28.74 -12.87
CA GLU A 40 -8.86 -28.97 -11.47
C GLU A 40 -7.43 -29.36 -11.19
N PRO A 41 -6.91 -28.97 -10.03
CA PRO A 41 -5.49 -29.26 -9.74
C PRO A 41 -5.18 -30.75 -9.63
N GLU A 42 -3.95 -31.17 -9.93
CA GLU A 42 -3.56 -32.58 -9.79
C GLU A 42 -2.55 -32.71 -8.66
N GLY A 43 -3.01 -33.04 -7.45
CA GLY A 43 -2.11 -33.35 -6.34
C GLY A 43 -1.63 -32.15 -5.56
N ASP A 44 -0.39 -31.71 -5.82
CA ASP A 44 0.20 -30.52 -5.16
C ASP A 44 -0.65 -29.33 -5.51
N TRP A 45 -1.43 -28.88 -4.54
CA TRP A 45 -2.16 -27.62 -4.69
C TRP A 45 -2.06 -26.63 -3.50
N PHE A 46 -1.63 -25.44 -3.84
CA PHE A 46 -1.52 -24.29 -2.95
C PHE A 46 -2.53 -23.26 -3.46
N CYS A 47 -3.33 -22.68 -2.57
CA CYS A 47 -4.43 -21.83 -2.98
C CYS A 47 -3.94 -20.44 -3.38
N PRO A 48 -4.82 -19.61 -3.99
CA PRO A 48 -4.44 -18.25 -4.38
C PRO A 48 -3.87 -17.39 -3.27
N GLU A 49 -4.32 -17.54 -2.01
CA GLU A 49 -3.73 -16.79 -0.91
C GLU A 49 -2.25 -17.23 -0.65
N CYS A 50 -2.04 -18.55 -0.62
CA CYS A 50 -0.73 -19.11 -0.39
C CYS A 50 0.16 -18.81 -1.57
N GLU A 51 -0.41 -18.79 -2.76
CA GLU A 51 0.38 -18.44 -3.94
C GLU A 51 0.88 -16.98 -3.91
N LYS A 52 0.02 -16.09 -3.46
CA LYS A 52 0.34 -14.67 -3.42
C LYS A 52 1.44 -14.44 -2.43
N ILE A 53 1.27 -15.05 -1.27
CA ILE A 53 2.21 -14.96 -0.18
C ILE A 53 3.57 -15.49 -0.63
N THR A 54 3.63 -16.68 -1.22
CA THR A 54 4.86 -17.22 -1.80
C THR A 54 5.57 -16.22 -2.75
N VAL A 55 4.84 -15.67 -3.71
CA VAL A 55 5.47 -14.76 -4.65
C VAL A 55 5.95 -13.50 -3.91
N ALA A 56 5.16 -13.00 -2.97
CA ALA A 56 5.50 -11.75 -2.25
C ALA A 56 6.72 -11.87 -1.30
N GLU A 57 6.94 -13.07 -0.79
CA GLU A 57 7.98 -13.32 0.20
C GLU A 57 9.28 -13.85 -0.43
N CYS A 58 9.28 -14.03 -1.75
CA CYS A 58 10.47 -14.46 -2.44
C CYS A 58 11.34 -13.21 -2.61
N ILE A 59 12.55 -13.24 -2.04
CA ILE A 59 13.50 -12.08 -2.05
C ILE A 59 13.67 -11.53 -3.47
N GLU A 60 13.80 -12.44 -4.43
CA GLU A 60 14.04 -12.09 -5.83
CA GLU A 60 14.07 -12.04 -5.81
C GLU A 60 12.86 -11.36 -6.44
N THR A 61 11.67 -11.69 -5.97
CA THR A 61 10.43 -11.08 -6.46
C THR A 61 9.56 -10.47 -5.35
N GLN A 62 10.21 -9.97 -4.30
N GLN A 62 10.18 -10.02 -4.27
CA GLN A 62 9.56 -9.13 -3.32
CA GLN A 62 9.49 -9.17 -3.29
C GLN A 62 9.36 -7.77 -3.93
C GLN A 62 9.36 -7.78 -3.90
N SER A 63 8.38 -7.02 -3.42
CA SER A 63 8.05 -5.68 -3.94
C SER A 63 9.19 -4.72 -3.63
N LYS A 64 9.17 -3.53 -4.24
CA LYS A 64 10.06 -2.45 -3.83
C LYS A 64 9.90 -2.17 -2.32
N ALA A 65 8.65 -2.20 -1.88
CA ALA A 65 8.33 -1.97 -0.47
C ALA A 65 9.04 -3.00 0.36
N MET A 66 8.86 -4.26 0.02
CA MET A 66 9.44 -5.27 0.90
C MET A 66 10.99 -5.27 0.87
N THR A 67 11.60 -4.90 -0.26
N THR A 67 11.58 -4.93 -0.28
CA THR A 67 13.04 -4.91 -0.35
CA THR A 67 13.01 -4.89 -0.41
C THR A 67 13.54 -3.85 0.62
C THR A 67 13.54 -3.84 0.57
N MET A 68 12.77 -2.78 0.73
CA MET A 68 13.08 -1.70 1.64
C MET A 68 13.08 -2.06 3.13
N LEU A 69 12.55 -3.23 3.50
CA LEU A 69 12.03 -3.40 4.86
C LEU A 69 12.40 -4.72 5.46
N THR A 70 12.77 -4.64 6.74
CA THR A 70 12.92 -5.87 7.54
C THR A 70 11.55 -6.37 7.99
N ILE A 71 11.48 -7.61 8.44
CA ILE A 71 10.24 -8.11 9.01
C ILE A 71 9.81 -7.31 10.23
N GLU A 72 10.77 -6.86 11.03
CA GLU A 72 10.44 -6.07 12.20
C GLU A 72 9.91 -4.67 11.76
N GLN A 73 10.51 -4.08 10.74
CA GLN A 73 10.07 -2.76 10.25
C GLN A 73 8.66 -2.87 9.67
N LEU A 74 8.39 -3.94 8.88
CA LEU A 74 7.02 -4.21 8.43
C LEU A 74 6.00 -4.26 9.60
N SER A 75 6.38 -4.91 10.71
CA SER A 75 5.52 -5.06 11.86
C SER A 75 5.14 -3.75 12.49
N TYR A 76 6.07 -2.80 12.46
CA TYR A 76 5.73 -1.46 12.90
C TYR A 76 4.67 -0.84 12.02
N LEU A 77 4.76 -1.03 10.71
CA LEU A 77 3.78 -0.43 9.84
C LEU A 77 2.42 -1.14 9.96
N LEU A 78 2.42 -2.44 10.22
CA LEU A 78 1.17 -3.15 10.43
C LEU A 78 0.45 -2.74 11.69
N LYS A 79 1.21 -2.37 12.69
CA LYS A 79 0.63 -1.77 13.89
C LYS A 79 -0.13 -0.47 13.58
N PHE A 80 0.41 0.41 12.74
CA PHE A 80 -0.37 1.57 12.30
C PHE A 80 -1.61 1.17 11.53
N ALA A 81 -1.52 0.18 10.62
CA ALA A 81 -2.67 -0.29 9.88
C ALA A 81 -3.76 -0.84 10.80
N ILE A 82 -3.38 -1.58 11.81
CA ILE A 82 -4.35 -2.06 12.79
C ILE A 82 -5.10 -0.94 13.48
N GLN A 83 -4.40 0.14 13.81
CA GLN A 83 -5.07 1.24 14.53
C GLN A 83 -6.14 1.90 13.62
N LYS A 84 -5.95 1.89 12.31
CA LYS A 84 -6.98 2.41 11.38
C LYS A 84 -8.14 1.42 11.26
N MET A 85 -7.84 0.13 11.40
CA MET A 85 -8.85 -0.89 11.29
C MET A 85 -9.73 -0.91 12.51
N LYS A 86 -9.13 -0.55 13.65
CA LYS A 86 -9.77 -0.56 14.95
C LYS A 86 -10.51 0.73 15.26
N GLN A 87 -11.13 1.31 14.29
CA GLN A 87 -11.78 2.57 14.58
C GLN A 87 -13.14 2.42 15.28
N PRO A 88 -13.68 3.55 15.77
CA PRO A 88 -14.97 3.53 16.46
C PRO A 88 -16.05 2.82 15.63
N GLY A 89 -16.76 1.90 16.28
CA GLY A 89 -17.81 1.12 15.66
C GLY A 89 -17.40 -0.29 15.27
N THR A 90 -16.12 -0.64 15.43
CA THR A 90 -15.61 -2.00 15.14
C THR A 90 -15.56 -2.95 16.35
N ASP A 91 -16.14 -2.52 17.48
CA ASP A 91 -16.18 -3.25 18.73
C ASP A 91 -16.38 -4.77 18.64
N ALA A 92 -17.35 -5.21 17.83
CA ALA A 92 -17.68 -6.61 17.68
C ALA A 92 -16.50 -7.49 17.20
N PHE A 93 -15.48 -6.86 16.63
CA PHE A 93 -14.36 -7.57 16.02
C PHE A 93 -13.04 -7.31 16.75
N GLN A 94 -13.08 -6.60 17.89
CA GLN A 94 -11.87 -6.21 18.55
C GLN A 94 -11.24 -7.33 19.40
N LYS A 95 -12.05 -8.24 19.91
CA LYS A 95 -11.61 -9.37 20.70
C LYS A 95 -12.21 -10.65 20.18
N PRO A 96 -11.68 -11.80 20.60
CA PRO A 96 -12.23 -13.05 20.09
C PRO A 96 -13.71 -13.16 20.41
N VAL A 97 -14.47 -13.79 19.54
CA VAL A 97 -15.91 -14.07 19.80
C VAL A 97 -16.09 -14.97 21.03
N PRO A 98 -16.88 -14.54 22.03
CA PRO A 98 -16.93 -15.39 23.26
C PRO A 98 -17.94 -16.48 23.20
N LEU A 99 -17.56 -17.65 23.67
CA LEU A 99 -18.45 -18.79 23.57
C LEU A 99 -19.71 -18.62 24.43
N GLU A 100 -19.56 -17.87 25.51
CA GLU A 100 -20.70 -17.51 26.37
C GLU A 100 -21.88 -16.94 25.58
N GLN A 101 -21.57 -16.09 24.62
CA GLN A 101 -22.60 -15.43 23.84
C GLN A 101 -22.98 -16.19 22.63
N HIS A 102 -22.08 -17.04 22.15
CA HIS A 102 -22.27 -17.81 20.92
C HIS A 102 -21.76 -19.23 21.14
N PRO A 103 -22.51 -20.03 21.91
CA PRO A 103 -22.03 -21.38 22.31
C PRO A 103 -21.71 -22.35 21.19
N ASP A 104 -22.32 -22.16 20.03
CA ASP A 104 -22.10 -22.99 18.85
C ASP A 104 -21.10 -22.44 17.84
N TYR A 105 -20.41 -21.36 18.17
CA TYR A 105 -19.50 -20.70 17.23
C TYR A 105 -18.48 -21.63 16.62
N ALA A 106 -17.88 -22.49 17.44
CA ALA A 106 -16.84 -23.40 16.99
C ALA A 106 -17.36 -24.55 16.12
N GLU A 107 -18.67 -24.74 16.06
CA GLU A 107 -19.23 -25.72 15.12
C GLU A 107 -19.17 -25.25 13.67
N TYR A 108 -19.10 -23.93 13.48
CA TYR A 108 -19.05 -23.33 12.12
C TYR A 108 -17.72 -22.70 11.75
N ILE A 109 -17.09 -22.13 12.77
CA ILE A 109 -15.86 -21.37 12.62
C ILE A 109 -14.62 -22.13 13.08
N PHE A 110 -13.90 -22.68 12.14
CA PHE A 110 -12.76 -23.50 12.46
C PHE A 110 -11.48 -22.66 12.62
N HIS A 111 -11.44 -21.41 12.15
CA HIS A 111 -10.28 -20.55 12.28
C HIS A 111 -10.67 -19.16 12.74
N PRO A 112 -10.94 -19.00 14.00
CA PRO A 112 -11.31 -17.75 14.51
C PRO A 112 -10.28 -16.69 14.25
N MET A 113 -10.71 -15.45 14.10
CA MET A 113 -9.77 -14.31 14.04
C MET A 113 -10.46 -13.05 14.52
N ASP A 114 -9.66 -12.12 15.06
CA ASP A 114 -10.16 -10.84 15.54
C ASP A 114 -9.04 -9.82 15.52
N LEU A 115 -9.35 -8.55 15.70
CA LEU A 115 -8.33 -7.51 15.61
C LEU A 115 -7.20 -7.60 16.67
N CYS A 116 -7.52 -8.01 17.89
CA CYS A 116 -6.52 -8.15 18.93
C CYS A 116 -5.55 -9.28 18.61
N THR A 117 -6.03 -10.42 18.11
CA THR A 117 -5.18 -11.50 17.67
C THR A 117 -4.28 -11.09 16.50
N LEU A 118 -4.85 -10.38 15.57
CA LEU A 118 -4.10 -9.87 14.43
C LEU A 118 -2.96 -8.93 14.86
N GLU A 119 -3.27 -8.05 15.79
CA GLU A 119 -2.31 -7.11 16.29
C GLU A 119 -1.20 -7.86 17.02
N LYS A 120 -1.56 -8.82 17.87
CA LYS A 120 -0.54 -9.62 18.61
C LYS A 120 0.35 -10.37 17.65
N ASN A 121 -0.25 -11.06 16.69
CA ASN A 121 0.49 -11.75 15.66
C ASN A 121 1.51 -10.85 14.93
N ALA A 122 1.08 -9.65 14.54
CA ALA A 122 1.96 -8.68 13.90
C ALA A 122 3.11 -8.32 14.80
N LYS A 123 2.84 -8.05 16.09
CA LYS A 123 3.91 -7.71 17.04
CA LYS A 123 3.90 -7.71 17.04
C LYS A 123 4.93 -8.83 17.17
N LYS A 124 4.47 -10.07 17.09
CA LYS A 124 5.33 -11.23 17.14
C LYS A 124 6.07 -11.53 15.85
N LYS A 125 5.90 -10.71 14.83
CA LYS A 125 6.62 -10.82 13.58
C LYS A 125 6.26 -12.03 12.77
N MET A 126 5.00 -12.43 12.88
CA MET A 126 4.45 -13.54 12.11
C MET A 126 4.18 -13.27 10.65
N TYR A 127 4.12 -11.99 10.23
CA TYR A 127 3.78 -11.67 8.84
C TYR A 127 4.99 -11.24 8.04
N GLY A 128 5.25 -11.98 6.97
CA GLY A 128 6.39 -11.69 6.12
C GLY A 128 6.20 -10.74 4.99
N CYS A 129 4.97 -10.31 4.81
CA CYS A 129 4.59 -9.42 3.73
C CYS A 129 3.23 -8.90 4.03
N THR A 130 2.86 -7.83 3.36
CA THR A 130 1.51 -7.27 3.48
C THR A 130 0.39 -8.25 3.08
N GLU A 131 0.63 -9.05 2.05
CA GLU A 131 -0.34 -10.00 1.58
C GLU A 131 -0.70 -10.96 2.66
N ALA A 132 0.28 -11.37 3.46
CA ALA A 132 0.00 -12.33 4.54
C ALA A 132 -0.87 -11.75 5.66
N PHE A 133 -0.68 -10.47 5.95
CA PHE A 133 -1.47 -9.75 6.93
C PHE A 133 -2.93 -9.64 6.47
N LEU A 134 -3.13 -9.25 5.20
CA LEU A 134 -4.48 -9.12 4.65
C LEU A 134 -5.15 -10.46 4.59
N ALA A 135 -4.44 -11.50 4.16
CA ALA A 135 -5.02 -12.85 4.07
C ALA A 135 -5.53 -13.35 5.40
N ASP A 136 -4.81 -13.04 6.48
CA ASP A 136 -5.26 -13.37 7.84
C ASP A 136 -6.42 -12.51 8.30
N ALA A 137 -6.34 -11.20 8.06
CA ALA A 137 -7.44 -10.34 8.46
C ALA A 137 -8.78 -10.80 7.79
N LYS A 138 -8.69 -11.28 6.55
CA LYS A 138 -9.87 -11.74 5.84
C LYS A 138 -10.62 -12.88 6.52
N TRP A 139 -9.97 -13.64 7.40
CA TRP A 139 -10.74 -14.58 8.22
C TRP A 139 -11.89 -13.86 9.00
N ILE A 140 -11.68 -12.63 9.43
CA ILE A 140 -12.71 -11.92 10.21
C ILE A 140 -14.01 -11.80 9.40
N LEU A 141 -13.89 -11.42 8.11
CA LEU A 141 -15.04 -11.24 7.23
C LEU A 141 -15.67 -12.62 6.83
N HIS A 142 -14.83 -13.57 6.47
CA HIS A 142 -15.30 -14.94 6.12
C HIS A 142 -16.11 -15.47 7.28
N ASN A 143 -15.55 -15.36 8.48
CA ASN A 143 -16.20 -15.95 9.64
C ASN A 143 -17.52 -15.26 9.95
N CYS A 144 -17.53 -13.94 9.81
CA CYS A 144 -18.73 -13.14 10.00
C CYS A 144 -19.82 -13.54 9.03
N ILE A 145 -19.48 -13.77 7.77
CA ILE A 145 -20.48 -14.12 6.80
C ILE A 145 -21.02 -15.51 7.06
N ILE A 146 -20.13 -16.46 7.35
CA ILE A 146 -20.57 -17.81 7.68
C ILE A 146 -21.56 -17.80 8.83
N TYR A 147 -21.16 -17.17 9.93
CA TYR A 147 -21.92 -17.32 11.16
C TYR A 147 -23.16 -16.42 11.24
N ASN A 148 -23.01 -15.19 10.82
CA ASN A 148 -24.09 -14.22 10.92
C ASN A 148 -24.91 -14.06 9.66
N GLY A 149 -24.37 -14.44 8.53
CA GLY A 149 -25.01 -14.27 7.23
C GLY A 149 -24.51 -13.06 6.46
N GLY A 150 -24.53 -13.14 5.14
CA GLY A 150 -24.01 -12.09 4.30
C GLY A 150 -24.77 -10.75 4.37
N ASN A 151 -26.03 -10.79 4.77
CA ASN A 151 -26.81 -9.57 4.89
C ASN A 151 -26.92 -9.08 6.32
N HIS A 152 -26.20 -9.68 7.23
CA HIS A 152 -26.25 -9.24 8.66
C HIS A 152 -25.53 -7.86 8.79
N LYS A 153 -25.95 -7.02 9.73
CA LYS A 153 -25.33 -5.72 9.88
C LYS A 153 -23.82 -5.83 10.26
N LEU A 154 -23.46 -6.89 10.98
CA LEU A 154 -22.09 -7.09 11.33
C LEU A 154 -21.22 -7.27 10.07
N THR A 155 -21.76 -7.88 9.03
CA THR A 155 -21.03 -8.10 7.82
C THR A 155 -20.64 -6.78 7.18
N GLN A 156 -21.51 -5.78 7.26
CA GLN A 156 -21.17 -4.44 6.78
C GLN A 156 -19.86 -3.94 7.47
N ILE A 157 -19.84 -4.05 8.79
CA ILE A 157 -18.71 -3.60 9.56
C ILE A 157 -17.43 -4.39 9.14
N ALA A 158 -17.51 -5.72 9.07
CA ALA A 158 -16.37 -6.53 8.79
C ALA A 158 -15.87 -6.22 7.38
N LYS A 159 -16.79 -5.92 6.47
CA LYS A 159 -16.39 -5.52 5.12
C LYS A 159 -15.57 -4.22 5.10
N VAL A 160 -16.00 -3.25 5.87
CA VAL A 160 -15.31 -1.95 5.99
C VAL A 160 -13.89 -2.18 6.62
N VAL A 161 -13.81 -3.04 7.65
CA VAL A 161 -12.54 -3.38 8.26
C VAL A 161 -11.57 -3.94 7.19
N ILE A 162 -12.05 -4.84 6.35
CA ILE A 162 -11.22 -5.36 5.27
C ILE A 162 -10.86 -4.33 4.19
N LYS A 163 -11.79 -3.47 3.81
CA LYS A 163 -11.50 -2.43 2.86
C LYS A 163 -10.47 -1.49 3.43
N ILE A 164 -10.54 -1.15 4.71
CA ILE A 164 -9.48 -0.41 5.35
C ILE A 164 -8.11 -1.12 5.31
N CYS A 165 -8.07 -2.40 5.65
CA CYS A 165 -6.86 -3.17 5.59
C CYS A 165 -6.27 -3.12 4.16
N GLU A 166 -7.10 -3.33 3.18
CA GLU A 166 -6.64 -3.39 1.78
C GLU A 166 -6.04 -2.04 1.41
N HIS A 167 -6.71 -0.97 1.78
CA HIS A 167 -6.19 0.38 1.56
C HIS A 167 -4.81 0.57 2.21
N GLU A 168 -4.69 0.20 3.48
CA GLU A 168 -3.46 0.43 4.19
C GLU A 168 -2.36 -0.44 3.59
N MET A 169 -2.67 -1.71 3.26
CA MET A 169 -1.63 -2.54 2.63
C MET A 169 -1.15 -1.95 1.32
N ASN A 170 -2.06 -1.39 0.53
N ASN A 170 -2.07 -1.40 0.54
CA ASN A 170 -1.70 -0.83 -0.77
CA ASN A 170 -1.70 -0.90 -0.76
C ASN A 170 -0.77 0.31 -0.55
C ASN A 170 -0.82 0.33 -0.59
N GLU A 171 -1.05 1.13 0.45
CA GLU A 171 -0.18 2.30 0.74
C GLU A 171 1.22 1.92 1.18
N ILE A 172 1.34 0.86 1.99
CA ILE A 172 2.62 0.35 2.42
C ILE A 172 3.39 -0.05 1.15
N GLU A 173 2.71 -0.74 0.26
CA GLU A 173 3.35 -1.26 -0.95
C GLU A 173 3.76 -0.15 -1.89
N VAL A 174 3.00 0.92 -1.97
CA VAL A 174 3.41 2.02 -2.88
C VAL A 174 4.75 2.61 -2.42
N CYS A 175 4.85 2.90 -1.11
CA CYS A 175 6.08 3.42 -0.49
C CYS A 175 6.00 3.37 1.06
N PRO A 176 6.72 2.40 1.66
CA PRO A 176 6.74 2.30 3.10
C PRO A 176 7.29 3.48 3.81
N GLU A 177 8.22 4.20 3.21
CA GLU A 177 8.71 5.44 3.84
C GLU A 177 7.68 6.57 3.90
N CYS A 178 6.99 6.78 2.79
CA CYS A 178 5.84 7.69 2.73
C CYS A 178 4.80 7.29 3.73
N TYR A 179 4.48 5.99 3.77
CA TYR A 179 3.46 5.55 4.68
C TYR A 179 3.81 5.86 6.15
N LEU A 180 5.01 5.51 6.56
CA LEU A 180 5.42 5.79 7.95
C LEU A 180 5.36 7.31 8.20
N ALA A 181 5.87 8.12 7.27
CA ALA A 181 5.84 9.58 7.48
C ALA A 181 4.40 10.11 7.64
N ALA A 182 3.47 9.58 6.84
CA ALA A 182 2.11 10.05 6.89
C ALA A 182 1.45 9.61 8.17
N CYS A 183 1.84 8.43 8.66
CA CYS A 183 1.30 7.92 9.93
C CYS A 183 1.70 8.74 11.15
N GLN A 184 2.94 9.20 11.18
CA GLN A 184 3.48 9.89 12.34
C GLN A 184 3.37 11.39 12.25
N LYS A 185 3.07 11.91 11.06
CA LYS A 185 2.77 13.32 10.88
C LYS A 185 3.75 14.25 11.58
N ARG A 186 5.03 13.99 11.50
CA ARG A 186 5.98 14.91 12.08
C ARG A 186 5.93 16.20 11.29
N ASP A 187 6.36 17.26 11.95
CA ASP A 187 6.66 18.55 11.31
C ASP A 187 7.07 18.45 9.81
N ASN A 188 6.24 18.95 8.89
CA ASN A 188 6.58 18.99 7.43
C ASN A 188 6.91 17.60 6.89
N TRP A 189 6.21 16.58 7.38
CA TRP A 189 6.47 15.20 6.97
C TRP A 189 6.48 15.00 5.45
N PHE A 190 5.69 15.79 4.72
CA PHE A 190 5.58 15.59 3.27
C PHE A 190 6.82 16.09 2.56
N CYS A 191 7.61 16.90 3.26
CA CYS A 191 8.82 17.49 2.63
C CYS A 191 10.08 16.62 2.80
N GLU A 192 9.96 15.45 3.42
CA GLU A 192 11.10 14.55 3.59
C GLU A 192 11.22 13.72 2.32
N PRO A 193 12.38 13.75 1.69
CA PRO A 193 12.61 12.86 0.53
C PRO A 193 12.76 11.41 0.99
N CYS A 194 12.28 10.46 0.18
CA CYS A 194 12.50 9.04 0.40
C CYS A 194 13.89 8.61 -0.15
N SER A 195 14.34 7.43 0.27
N SER A 195 14.33 7.43 0.28
CA SER A 195 15.68 6.91 -0.13
CA SER A 195 15.62 6.86 -0.11
C SER A 195 15.84 6.73 -1.63
C SER A 195 15.81 6.75 -1.62
N ASN A 196 14.77 6.39 -2.34
CA ASN A 196 14.80 6.49 -3.80
C ASN A 196 13.74 7.58 -4.08
N PRO A 197 14.16 8.82 -4.24
CA PRO A 197 13.18 9.91 -4.16
C PRO A 197 12.22 9.95 -5.31
N HIS A 198 10.99 10.35 -5.04
CA HIS A 198 9.93 10.32 -6.03
C HIS A 198 10.08 11.55 -6.94
N PRO A 199 10.19 11.37 -8.26
CA PRO A 199 10.25 12.61 -9.07
C PRO A 199 9.13 13.61 -8.92
N LEU A 200 9.51 14.90 -8.91
CA LEU A 200 8.56 15.97 -8.78
C LEU A 200 8.01 16.34 -10.13
N VAL A 201 6.70 16.48 -10.19
CA VAL A 201 6.03 16.77 -11.48
C VAL A 201 4.99 17.84 -11.33
N TRP A 202 4.70 18.49 -12.44
CA TRP A 202 3.47 19.23 -12.59
C TRP A 202 2.43 18.20 -13.10
N ALA A 203 1.36 18.07 -12.35
CA ALA A 203 0.35 17.07 -12.74
C ALA A 203 -1.02 17.73 -12.90
N LYS A 204 -1.61 17.48 -14.07
CA LYS A 204 -2.98 17.99 -14.37
C LYS A 204 -4.00 16.89 -14.51
N LEU A 205 -4.81 16.76 -13.49
CA LEU A 205 -6.04 15.98 -13.59
C LEU A 205 -7.09 16.75 -14.43
N LYS A 206 -7.78 16.07 -15.34
CA LYS A 206 -8.77 16.75 -16.17
C LYS A 206 -9.75 17.48 -15.27
N GLY A 207 -9.93 18.75 -15.57
CA GLY A 207 -10.79 19.63 -14.76
C GLY A 207 -10.16 20.33 -13.58
N PHE A 208 -8.84 20.13 -13.37
CA PHE A 208 -8.13 20.66 -12.22
C PHE A 208 -6.94 21.46 -12.69
N PRO A 209 -6.56 22.47 -11.92
CA PRO A 209 -5.39 23.20 -12.33
C PRO A 209 -4.10 22.36 -12.23
N PHE A 210 -3.14 22.63 -13.09
CA PHE A 210 -1.79 22.07 -12.91
C PHE A 210 -1.28 22.31 -11.48
N TRP A 211 -0.72 21.27 -10.88
CA TRP A 211 -0.36 21.37 -9.48
C TRP A 211 0.89 20.53 -9.22
N PRO A 212 1.77 20.98 -8.31
CA PRO A 212 3.00 20.25 -7.97
C PRO A 212 2.71 18.96 -7.22
N ALA A 213 3.40 17.92 -7.63
CA ALA A 213 3.19 16.58 -7.05
C ALA A 213 4.47 15.73 -7.05
N LYS A 214 4.42 14.66 -6.28
CA LYS A 214 5.38 13.58 -6.30
C LYS A 214 4.83 12.46 -7.19
N ALA A 215 5.63 11.97 -8.11
CA ALA A 215 5.24 10.81 -8.90
C ALA A 215 5.67 9.52 -8.20
N LEU A 216 4.70 8.79 -7.65
CA LEU A 216 4.98 7.62 -6.82
C LEU A 216 5.12 6.34 -7.58
N ARG A 217 4.36 6.16 -8.64
CA ARG A 217 4.54 4.97 -9.44
C ARG A 217 3.95 5.18 -10.80
N ASP A 218 4.31 4.26 -11.70
CA ASP A 218 3.91 4.27 -13.11
C ASP A 218 3.21 2.97 -13.40
N LYS A 219 1.97 3.04 -13.85
CA LYS A 219 1.17 1.84 -14.21
C LYS A 219 0.45 2.13 -15.56
N ASP A 220 0.93 1.49 -16.63
CA ASP A 220 0.29 1.52 -17.91
C ASP A 220 -0.15 2.93 -18.37
N GLY A 221 0.74 3.91 -18.35
CA GLY A 221 0.32 5.23 -18.92
C GLY A 221 -0.36 6.16 -17.92
N GLN A 222 -0.33 5.77 -16.64
CA GLN A 222 -0.95 6.60 -15.59
C GLN A 222 0.11 6.76 -14.53
N VAL A 223 0.11 7.93 -13.91
CA VAL A 223 1.06 8.20 -12.86
C VAL A 223 0.31 8.35 -11.55
N ASP A 224 0.77 7.69 -10.50
CA ASP A 224 0.18 7.87 -9.18
C ASP A 224 0.78 9.11 -8.49
N ALA A 225 0.04 10.22 -8.46
CA ALA A 225 0.61 11.51 -8.05
C ALA A 225 0.07 11.86 -6.69
N ARG A 226 0.96 12.31 -5.80
CA ARG A 226 0.57 12.76 -4.48
CA ARG A 226 0.62 12.75 -4.44
C ARG A 226 0.88 14.25 -4.43
N PHE A 227 -0.15 15.06 -4.21
CA PHE A 227 -0.01 16.54 -4.42
C PHE A 227 0.48 17.28 -3.20
N PHE A 228 1.42 18.21 -3.41
CA PHE A 228 1.83 19.10 -2.31
C PHE A 228 0.64 19.93 -1.88
N GLY A 229 0.68 20.37 -0.62
CA GLY A 229 -0.34 21.21 -0.04
C GLY A 229 -1.33 20.33 0.68
N GLN A 230 -2.19 19.72 -0.10
CA GLN A 230 -3.31 18.92 0.41
C GLN A 230 -2.87 17.52 0.75
N HIS A 231 -1.89 17.00 -0.01
CA HIS A 231 -1.40 15.63 0.20
C HIS A 231 -2.39 14.53 -0.24
N ASP A 232 -3.29 14.91 -1.14
CA ASP A 232 -4.24 13.98 -1.77
C ASP A 232 -3.61 13.28 -2.97
N ARG A 233 -4.26 12.23 -3.43
CA ARG A 233 -3.71 11.38 -4.47
C ARG A 233 -4.63 11.19 -5.62
N ALA A 234 -4.06 10.83 -6.78
CA ALA A 234 -4.89 10.51 -7.94
C ALA A 234 -4.03 9.92 -8.99
N TRP A 235 -4.58 9.03 -9.80
CA TRP A 235 -3.92 8.56 -11.00
C TRP A 235 -4.05 9.64 -12.07
N VAL A 236 -2.94 10.01 -12.72
CA VAL A 236 -2.96 11.11 -13.69
C VAL A 236 -2.44 10.57 -14.98
N PRO A 237 -3.09 10.93 -16.10
CA PRO A 237 -2.51 10.38 -17.35
C PRO A 237 -1.11 10.92 -17.56
N ILE A 238 -0.20 10.06 -18.05
CA ILE A 238 1.19 10.43 -18.12
C ILE A 238 1.42 11.68 -18.97
N ASN A 239 0.67 11.83 -20.07
CA ASN A 239 0.91 13.01 -20.95
C ASN A 239 0.47 14.28 -20.26
N ASN A 240 -0.22 14.17 -19.12
CA ASN A 240 -0.56 15.37 -18.30
C ASN A 240 0.41 15.61 -17.15
N CYS A 241 1.58 14.97 -17.21
CA CYS A 241 2.61 15.10 -16.17
C CYS A 241 3.90 15.62 -16.80
N TYR A 242 4.37 16.77 -16.33
CA TYR A 242 5.63 17.30 -16.78
C TYR A 242 6.62 17.19 -15.66
N LEU A 243 7.89 16.99 -16.00
CA LEU A 243 8.93 17.18 -14.98
C LEU A 243 8.91 18.59 -14.42
N MET A 244 9.17 18.72 -13.12
CA MET A 244 9.16 20.03 -12.45
C MET A 244 10.10 21.01 -13.12
N SER A 245 9.61 22.23 -13.28
CA SER A 245 10.32 23.33 -13.96
C SER A 245 10.12 24.61 -13.20
N LYS A 246 10.99 25.60 -13.45
CA LYS A 246 10.79 26.90 -12.84
C LYS A 246 9.57 27.60 -13.42
N GLU A 247 9.41 27.50 -14.73
CA GLU A 247 8.27 28.10 -15.41
C GLU A 247 7.05 27.29 -15.04
N ILE A 248 5.99 28.00 -14.68
CA ILE A 248 4.78 27.35 -14.20
C ILE A 248 3.76 27.19 -15.33
N PRO A 249 3.19 25.97 -15.51
CA PRO A 249 2.07 25.78 -16.48
C PRO A 249 0.86 26.43 -15.87
N PHE A 250 0.52 27.61 -16.40
CA PHE A 250 -0.50 28.42 -15.80
C PHE A 250 -1.91 27.84 -15.94
N SER A 251 -2.65 27.89 -14.85
CA SER A 251 -4.05 27.48 -14.86
C SER A 251 -4.80 28.56 -14.12
N VAL A 252 -6.02 28.87 -14.57
CA VAL A 252 -6.90 29.70 -13.75
C VAL A 252 -7.33 28.88 -12.53
N LYS A 253 -7.25 29.49 -11.33
CA LYS A 253 -7.35 28.79 -10.03
C LYS A 253 -8.30 29.60 -9.18
N LYS A 254 -9.03 28.97 -8.27
CA LYS A 254 -9.87 29.78 -7.38
C LYS A 254 -9.16 30.43 -6.20
N THR A 255 -8.11 29.83 -5.67
CA THR A 255 -7.46 30.46 -4.51
C THR A 255 -5.95 30.46 -4.66
N LYS A 256 -5.41 31.67 -4.82
CA LYS A 256 -3.97 31.89 -4.88
C LYS A 256 -3.21 31.43 -3.65
N SER A 257 -3.73 31.73 -2.43
CA SER A 257 -3.05 31.34 -1.20
C SER A 257 -2.82 29.82 -1.06
N ILE A 258 -3.79 29.01 -1.44
CA ILE A 258 -3.65 27.54 -1.42
C ILE A 258 -2.53 27.03 -2.38
N PHE A 259 -2.51 27.56 -3.59
CA PHE A 259 -1.42 27.25 -4.51
C PHE A 259 -0.08 27.74 -3.98
N ASN A 260 -0.02 28.95 -3.43
CA ASN A 260 1.20 29.39 -2.80
C ASN A 260 1.72 28.47 -1.71
N SER A 261 0.84 28.00 -0.82
CA SER A 261 1.26 27.09 0.24
C SER A 261 1.84 25.80 -0.33
N ALA A 262 1.25 25.28 -1.40
CA ALA A 262 1.77 24.08 -2.10
C ALA A 262 3.15 24.33 -2.68
N MET A 263 3.35 25.47 -3.32
CA MET A 263 4.67 25.74 -3.89
C MET A 263 5.73 25.90 -2.82
N GLN A 264 5.36 26.49 -1.69
CA GLN A 264 6.25 26.68 -0.56
C GLN A 264 6.71 25.36 0.06
N GLU A 265 5.76 24.45 0.20
CA GLU A 265 6.04 23.12 0.62
C GLU A 265 7.00 22.41 -0.35
N MET A 266 6.78 22.56 -1.65
CA MET A 266 7.66 21.94 -2.64
C MET A 266 9.05 22.54 -2.56
N GLU A 267 9.11 23.85 -2.32
N GLU A 267 9.12 23.85 -2.36
CA GLU A 267 10.42 24.51 -2.14
CA GLU A 267 10.44 24.48 -2.21
C GLU A 267 11.23 23.91 -0.99
C GLU A 267 11.24 23.98 -0.99
N VAL A 268 10.57 23.67 0.13
CA VAL A 268 11.22 23.06 1.29
C VAL A 268 11.69 21.65 0.92
N TYR A 269 10.85 20.90 0.20
CA TYR A 269 11.22 19.56 -0.25
C TYR A 269 12.50 19.61 -1.09
N VAL A 270 12.60 20.54 -2.03
CA VAL A 270 13.77 20.66 -2.90
C VAL A 270 14.99 21.03 -2.07
N GLU A 271 14.84 21.92 -1.08
CA GLU A 271 15.97 22.20 -0.21
C GLU A 271 16.41 20.90 0.46
N ASN A 272 15.44 20.13 0.94
CA ASN A 272 15.74 18.91 1.69
C ASN A 272 16.41 17.85 0.83
N ILE A 273 16.01 17.71 -0.42
CA ILE A 273 16.60 16.71 -1.30
C ILE A 273 18.01 17.13 -1.69
N ARG A 274 18.22 18.42 -1.87
CA ARG A 274 19.55 18.91 -2.18
C ARG A 274 20.50 18.67 -1.01
N ARG A 275 19.98 18.85 0.21
CA ARG A 275 20.78 18.47 1.40
C ARG A 275 21.08 16.97 1.48
N LYS A 276 20.08 16.15 1.23
CA LYS A 276 20.23 14.68 1.35
C LYS A 276 21.07 14.04 0.26
N PHE A 277 20.81 14.38 -0.99
CA PHE A 277 21.52 13.79 -2.13
C PHE A 277 22.47 14.72 -2.86
N GLY A 278 22.42 16.00 -2.56
CA GLY A 278 23.30 16.99 -3.19
C GLY A 278 22.78 17.50 -4.55
N VAL A 279 21.65 16.99 -5.03
CA VAL A 279 21.23 17.35 -6.39
C VAL A 279 19.73 17.55 -6.49
N PHE A 280 19.35 18.46 -7.36
CA PHE A 280 17.95 18.56 -7.88
C PHE A 280 17.93 19.35 -9.14
N ASN A 281 17.54 18.71 -10.23
CA ASN A 281 17.53 19.38 -11.48
C ASN A 281 16.15 19.79 -11.95
N TYR A 282 15.90 21.09 -12.07
CA TYR A 282 14.68 21.55 -12.74
C TYR A 282 14.79 21.31 -14.27
N SER A 283 13.66 21.06 -14.90
CA SER A 283 13.64 20.70 -16.35
C SER A 283 13.21 21.89 -17.14
N PRO A 284 13.50 21.91 -18.45
CA PRO A 284 12.90 22.94 -19.31
C PRO A 284 11.35 22.84 -19.27
N PHE A 285 10.66 23.95 -19.43
CA PHE A 285 9.21 23.93 -19.45
C PHE A 285 8.51 22.88 -20.34
N ARG A 286 7.55 22.15 -19.76
CA ARG A 286 6.72 21.15 -20.45
C ARG A 286 7.46 19.87 -20.85
N THR A 287 8.63 19.61 -20.26
CA THR A 287 9.33 18.36 -20.55
C THR A 287 8.47 17.21 -20.01
N PRO A 288 8.12 16.26 -20.87
CA PRO A 288 7.36 15.11 -20.39
C PRO A 288 8.02 14.26 -19.34
N TYR A 289 7.27 13.93 -18.31
CA TYR A 289 7.66 12.92 -17.37
C TYR A 289 7.66 11.57 -18.12
N THR A 290 8.66 10.75 -17.80
CA THR A 290 8.77 9.39 -18.39
C THR A 290 8.91 8.47 -17.24
N PRO A 291 8.42 7.22 -17.38
CA PRO A 291 8.46 6.34 -16.25
C PRO A 291 9.86 6.10 -15.67
N ASN A 292 9.95 6.02 -14.35
CA ASN A 292 11.19 5.78 -13.65
C ASN A 292 12.21 6.87 -13.95
N SER A 293 11.70 8.08 -14.13
CA SER A 293 12.50 9.24 -14.46
C SER A 293 13.71 9.38 -13.59
N GLN A 294 14.85 9.56 -14.23
CA GLN A 294 16.14 9.80 -13.58
C GLN A 294 16.63 11.26 -13.59
N TYR A 295 16.04 12.07 -14.47
CA TYR A 295 16.55 13.44 -14.76
C TYR A 295 16.92 14.23 -13.53
N GLN A 296 16.02 14.28 -12.58
CA GLN A 296 16.22 15.14 -11.39
C GLN A 296 17.39 14.77 -10.51
N MET A 297 17.81 13.50 -10.60
CA MET A 297 18.86 12.97 -9.80
C MET A 297 20.19 12.90 -10.55
N LEU A 298 20.22 13.36 -11.80
CA LEU A 298 21.48 13.35 -12.51
C LEU A 298 22.50 14.27 -11.88
N LEU A 299 23.73 13.81 -11.82
CA LEU A 299 24.79 14.68 -11.30
C LEU A 299 24.94 15.88 -12.19
N ASP A 300 25.05 15.60 -13.48
CA ASP A 300 25.12 16.60 -14.53
C ASP A 300 23.94 16.38 -15.50
N PRO A 301 22.92 17.21 -15.38
CA PRO A 301 21.74 16.98 -16.26
C PRO A 301 22.03 17.13 -17.74
N THR A 302 23.13 17.76 -18.13
CA THR A 302 23.53 17.79 -19.54
C THR A 302 24.23 16.54 -20.00
N ASN A 303 24.41 15.55 -19.11
CA ASN A 303 25.15 14.36 -19.47
C ASN A 303 24.43 13.21 -18.79
N PRO A 304 23.27 12.84 -19.34
CA PRO A 304 22.49 11.78 -18.76
C PRO A 304 23.20 10.46 -18.71
N SER A 305 24.13 10.20 -19.62
CA SER A 305 24.86 8.90 -19.56
C SER A 305 25.70 8.74 -18.29
N ALA A 306 26.06 9.84 -17.65
CA ALA A 306 26.79 9.76 -16.37
C ALA A 306 25.89 9.42 -15.17
N GLY A 307 24.57 9.51 -15.34
CA GLY A 307 23.62 9.06 -14.32
C GLY A 307 23.73 9.84 -13.02
N THR A 308 23.42 9.13 -11.97
CA THR A 308 23.40 9.72 -10.65
C THR A 308 24.72 9.42 -9.97
N ALA A 309 25.09 10.31 -9.08
CA ALA A 309 26.36 10.19 -8.36
C ALA A 309 26.38 9.07 -7.32
N LYS A 310 27.51 8.38 -7.23
CA LYS A 310 27.75 7.38 -6.20
C LYS A 310 28.41 8.13 -5.04
N ILE A 311 27.66 8.31 -3.95
CA ILE A 311 28.20 8.71 -2.62
C ILE A 311 27.87 7.66 -1.55
N ASP A 312 26.68 7.03 -1.61
CA ASP A 312 26.36 5.87 -0.76
C ASP A 312 26.38 6.22 0.72
N GLN A 314 26.80 2.78 0.97
CA GLN A 314 27.05 1.69 1.92
C GLN A 314 26.62 2.03 3.38
N GLU A 315 25.52 2.79 3.55
CA GLU A 315 24.89 2.97 4.88
C GLU A 315 23.79 1.90 5.05
N LYS A 316 23.75 1.26 6.23
CA LYS A 316 22.74 0.23 6.49
C LYS A 316 21.36 0.82 6.75
N VAL A 317 21.35 1.91 7.51
CA VAL A 317 20.15 2.64 7.72
C VAL A 317 19.95 3.49 6.45
N LYS A 318 19.24 2.91 5.49
CA LYS A 318 18.77 3.64 4.31
C LYS A 318 17.34 4.08 4.60
N LEU A 319 16.63 3.24 5.37
CA LEU A 319 15.39 3.59 6.05
C LEU A 319 15.56 3.36 7.60
ZN ZN B . 8.05 7.64 -0.50
ZN ZN C . -17.39 -20.95 -3.52
ZN ZN D . -3.62 -21.91 1.12
C1 DIO E . -1.95 16.27 6.13
C2 DIO E . -0.61 18.07 6.97
C1' DIO E . -2.56 16.11 7.49
C2' DIO E . -1.02 17.78 8.40
O1 DIO E . -1.67 17.66 6.08
O1' DIO E . -1.56 16.46 8.48
C1 DIO F . -18.92 -11.36 14.82
C2 DIO F . -20.39 -12.89 16.14
C1' DIO F . -18.73 -10.52 16.09
C2' DIO F . -19.92 -12.06 17.36
O1 DIO F . -19.79 -12.52 14.88
O1' DIO F . -19.80 -10.68 17.01
#